data_4C79
#
_entry.id   4C79
#
_cell.length_a   68.620
_cell.length_b   68.620
_cell.length_c   95.030
_cell.angle_alpha   90.00
_cell.angle_beta   90.00
_cell.angle_gamma   90.00
#
_symmetry.space_group_name_H-M   'P 43 21 2'
#
loop_
_entity.id
_entity.type
_entity.pdbx_description
1 polymer SMOOTHENED
2 non-polymer 'ZINC ION'
3 non-polymer 'SODIUM ION'
4 water water
#
_entity_poly.entity_id   1
_entity_poly.type   'polypeptide(L)'
_entity_poly.pdbx_seq_one_letter_code
;MAVILHPNETIFNDFCKKSTTCEVLKYNTCLGSPLPYTHTSLILAEDSETQEEAFEKLAMWSGLRNAPRCWAVIQPLLCA
VYMPKCENGKVELPSQHLCQATRNPCSIVERERGWPNFLKCENKEQFPKGCQNEVQKLKFNTSGQCEAPLVKTDIQASWY
KDVEGCGIQCDNPLFTEDEHSDMHKLEHHHHHH
;
_entity_poly.pdbx_strand_id   A,B
#
loop_
_chem_comp.id
_chem_comp.type
_chem_comp.name
_chem_comp.formula
NA non-polymer 'SODIUM ION' 'Na 1'
ZN non-polymer 'ZINC ION' 'Zn 2'
#
# COMPACT_ATOMS: atom_id res chain seq x y z
N PHE A 15 6.71 1.99 27.00
CA PHE A 15 6.60 2.72 25.74
C PHE A 15 7.62 2.25 24.71
N CYS A 16 8.65 1.54 25.16
CA CYS A 16 9.59 0.89 24.25
C CYS A 16 9.12 -0.52 23.94
N LYS A 17 8.09 -0.95 24.65
CA LYS A 17 7.49 -2.27 24.45
C LYS A 17 5.97 -2.14 24.46
N LYS A 18 5.28 -3.18 24.00
CA LYS A 18 3.82 -3.21 24.08
C LYS A 18 3.35 -4.42 24.86
N SER A 19 2.39 -4.23 25.74
CA SER A 19 1.83 -5.33 26.52
C SER A 19 0.88 -6.16 25.67
N THR A 20 1.03 -7.48 25.76
CA THR A 20 0.23 -8.39 24.94
C THR A 20 0.29 -9.81 25.50
N THR A 21 -0.45 -10.71 24.87
CA THR A 21 -0.37 -12.13 25.22
C THR A 21 0.53 -12.83 24.21
N CYS A 22 1.56 -13.50 24.73
CA CYS A 22 2.51 -14.21 23.87
C CYS A 22 1.95 -15.55 23.41
N GLU A 23 2.31 -15.95 22.19
CA GLU A 23 1.99 -17.28 21.72
C GLU A 23 3.25 -17.97 21.19
N VAL A 24 3.28 -19.30 21.29
CA VAL A 24 4.46 -20.06 20.89
C VAL A 24 4.66 -20.02 19.38
N LEU A 25 5.87 -19.73 18.96
CA LEU A 25 6.22 -19.64 17.54
C LEU A 25 6.02 -20.96 16.82
N LYS A 26 5.30 -20.91 15.70
CA LYS A 26 5.09 -22.09 14.87
C LYS A 26 6.23 -22.31 13.89
N TYR A 27 7.07 -21.28 13.74
CA TYR A 27 8.25 -21.36 12.89
C TYR A 27 9.47 -20.89 13.68
N ASN A 28 10.64 -21.45 13.36
CA ASN A 28 11.88 -21.00 14.01
C ASN A 28 12.75 -20.15 13.08
N THR A 29 12.17 -19.70 11.98
CA THR A 29 12.89 -18.95 10.97
C THR A 29 12.06 -17.81 10.39
N CYS A 30 12.67 -16.63 10.30
CA CYS A 30 12.04 -15.49 9.65
C CYS A 30 12.87 -15.05 8.45
N LEU A 31 12.35 -15.29 7.26
CA LEU A 31 13.00 -14.89 6.01
C LEU A 31 14.46 -15.33 5.93
N GLY A 32 14.72 -16.60 6.28
CA GLY A 32 16.04 -17.15 6.22
C GLY A 32 16.81 -17.10 7.54
N SER A 33 16.40 -16.19 8.41
CA SER A 33 17.09 -15.98 9.68
C SER A 33 16.56 -16.85 10.82
N PRO A 34 17.44 -17.66 11.41
CA PRO A 34 17.07 -18.44 12.61
C PRO A 34 16.81 -17.50 13.79
N LEU A 35 15.84 -17.85 14.62
CA LEU A 35 15.47 -16.99 15.73
C LEU A 35 15.99 -17.53 17.07
N PRO A 36 16.48 -16.64 17.93
CA PRO A 36 16.95 -17.01 19.28
C PRO A 36 15.83 -16.94 20.32
N TYR A 37 14.58 -16.94 19.88
CA TYR A 37 13.44 -16.92 20.79
C TYR A 37 12.31 -17.78 20.24
N THR A 38 11.38 -18.19 21.11
CA THR A 38 10.32 -19.09 20.71
C THR A 38 8.90 -18.54 20.92
N HIS A 39 8.80 -17.31 21.43
CA HIS A 39 7.49 -16.68 21.65
C HIS A 39 7.32 -15.44 20.79
N THR A 40 6.09 -15.19 20.35
CA THR A 40 5.82 -14.05 19.50
C THR A 40 4.42 -13.47 19.74
N SER A 41 4.12 -12.41 19.01
CA SER A 41 2.79 -11.81 19.03
C SER A 41 2.48 -11.22 17.66
N LEU A 42 1.20 -11.14 17.32
CA LEU A 42 0.79 -10.61 16.03
C LEU A 42 0.19 -9.21 16.18
N ILE A 43 0.37 -8.65 17.38
CA ILE A 43 -0.22 -7.35 17.71
C ILE A 43 0.37 -6.20 16.86
N LEU A 44 1.60 -6.38 16.40
CA LEU A 44 2.29 -5.32 15.65
C LEU A 44 1.93 -5.32 14.15
N ALA A 45 1.65 -6.50 13.61
CA ALA A 45 1.28 -6.62 12.21
C ALA A 45 -0.23 -6.47 12.06
N GLU A 46 -0.67 -5.31 11.59
CA GLU A 46 -2.10 -5.00 11.53
C GLU A 46 -2.78 -5.58 10.30
N ASP A 47 -2.07 -6.41 9.54
CA ASP A 47 -2.66 -7.07 8.38
C ASP A 47 -2.72 -8.59 8.57
N SER A 48 -2.39 -9.03 9.78
CA SER A 48 -2.34 -10.46 10.09
C SER A 48 -2.94 -10.75 11.47
N GLU A 49 -3.76 -11.80 11.53
CA GLU A 49 -4.36 -12.23 12.80
C GLU A 49 -3.78 -13.55 13.27
N THR A 50 -3.22 -14.32 12.35
CA THR A 50 -2.58 -15.60 12.69
C THR A 50 -1.14 -15.64 12.17
N GLN A 51 -0.34 -16.56 12.72
CA GLN A 51 1.04 -16.72 12.28
C GLN A 51 1.10 -17.24 10.86
N GLU A 52 0.06 -17.97 10.45
CA GLU A 52 -0.02 -18.48 9.08
C GLU A 52 -0.26 -17.36 8.10
N GLU A 53 -0.96 -16.32 8.55
CA GLU A 53 -1.19 -15.13 7.72
C GLU A 53 0.07 -14.29 7.65
N ALA A 54 0.81 -14.24 8.76
CA ALA A 54 2.05 -13.49 8.83
C ALA A 54 3.09 -14.13 7.91
N PHE A 55 3.05 -15.45 7.82
CA PHE A 55 3.94 -16.18 6.92
C PHE A 55 3.65 -15.79 5.48
N GLU A 56 2.36 -15.74 5.12
CA GLU A 56 1.93 -15.36 3.78
C GLU A 56 2.37 -13.93 3.45
N LYS A 57 2.12 -13.01 4.37
CA LYS A 57 2.47 -11.61 4.16
C LYS A 57 3.98 -11.40 4.10
N LEU A 58 4.73 -12.22 4.84
CA LEU A 58 6.19 -12.14 4.82
C LEU A 58 6.76 -12.56 3.48
N ALA A 59 6.15 -13.60 2.88
CA ALA A 59 6.59 -14.07 1.57
C ALA A 59 6.25 -13.03 0.51
N MET A 60 5.19 -12.28 0.74
CA MET A 60 4.79 -11.21 -0.15
C MET A 60 5.86 -10.12 -0.23
N TRP A 61 6.54 -9.88 0.89
CA TRP A 61 7.58 -8.86 0.94
C TRP A 61 8.92 -9.37 0.42
N SER A 62 9.02 -10.67 0.17
CA SER A 62 10.28 -11.29 -0.22
C SER A 62 10.73 -10.93 -1.64
N GLY A 63 9.91 -10.16 -2.34
CA GLY A 63 10.27 -9.67 -3.65
C GLY A 63 11.40 -8.66 -3.59
N LEU A 64 11.53 -8.00 -2.44
CA LEU A 64 12.56 -6.99 -2.23
C LEU A 64 13.97 -7.61 -2.13
N ARG A 65 14.05 -8.94 -2.21
CA ARG A 65 15.32 -9.63 -2.21
C ARG A 65 16.20 -9.24 -3.40
N ASN A 66 15.57 -8.90 -4.52
CA ASN A 66 16.32 -8.55 -5.72
C ASN A 66 17.05 -7.19 -5.62
N ALA A 67 16.86 -6.51 -4.49
CA ALA A 67 17.58 -5.27 -4.21
C ALA A 67 18.26 -5.36 -2.85
N PRO A 68 19.46 -5.97 -2.82
CA PRO A 68 20.29 -6.21 -1.62
C PRO A 68 20.33 -5.05 -0.62
N ARG A 69 20.49 -3.82 -1.10
CA ARG A 69 20.61 -2.67 -0.21
C ARG A 69 19.29 -2.37 0.50
N CYS A 70 18.18 -2.78 -0.12
CA CYS A 70 16.87 -2.66 0.50
C CYS A 70 16.68 -3.83 1.46
N TRP A 71 17.00 -5.03 0.98
CA TRP A 71 16.80 -6.26 1.72
C TRP A 71 17.58 -6.30 3.03
N ALA A 72 18.76 -5.67 3.03
CA ALA A 72 19.64 -5.72 4.20
C ALA A 72 19.01 -5.04 5.41
N VAL A 73 18.19 -4.03 5.16
CA VAL A 73 17.55 -3.29 6.24
C VAL A 73 16.06 -3.63 6.41
N ILE A 74 15.41 -4.01 5.32
CA ILE A 74 13.98 -4.30 5.37
C ILE A 74 13.68 -5.67 5.98
N GLN A 75 14.60 -6.62 5.81
CA GLN A 75 14.42 -7.97 6.33
C GLN A 75 14.44 -8.02 7.87
N PRO A 76 15.42 -7.34 8.51
CA PRO A 76 15.34 -7.28 9.98
C PRO A 76 14.11 -6.55 10.49
N LEU A 77 13.66 -5.53 9.75
CA LEU A 77 12.51 -4.74 10.18
C LEU A 77 11.21 -5.53 10.09
N LEU A 78 10.97 -6.16 8.94
CA LEU A 78 9.78 -6.98 8.73
C LEU A 78 9.68 -8.10 9.74
N CYS A 79 10.82 -8.71 10.07
CA CYS A 79 10.85 -9.77 11.07
C CYS A 79 10.55 -9.22 12.46
N ALA A 80 10.95 -7.98 12.71
CA ALA A 80 10.68 -7.33 13.99
C ALA A 80 9.21 -6.91 14.12
N VAL A 81 8.48 -6.95 13.02
CA VAL A 81 7.08 -6.54 13.00
C VAL A 81 6.15 -7.74 12.86
N TYR A 82 6.56 -8.70 12.03
CA TYR A 82 5.74 -9.86 11.74
C TYR A 82 5.98 -11.02 12.71
N MET A 83 7.24 -11.22 13.09
CA MET A 83 7.60 -12.25 14.05
C MET A 83 8.45 -11.70 15.20
N PRO A 84 7.90 -10.73 15.96
CA PRO A 84 8.71 -10.09 16.98
C PRO A 84 8.87 -10.96 18.23
N LYS A 85 9.87 -10.65 19.05
CA LYS A 85 10.12 -11.40 20.27
C LYS A 85 9.13 -11.01 21.36
N CYS A 86 8.42 -12.00 21.88
CA CYS A 86 7.50 -11.77 22.98
C CYS A 86 8.05 -12.43 24.23
N GLU A 87 8.09 -11.68 25.33
CA GLU A 87 8.61 -12.22 26.59
C GLU A 87 8.04 -11.45 27.76
N ASN A 88 7.62 -12.19 28.79
CA ASN A 88 7.01 -11.63 29.99
C ASN A 88 5.84 -10.68 29.69
N GLY A 89 4.98 -11.09 28.75
CA GLY A 89 3.78 -10.33 28.45
C GLY A 89 4.01 -9.07 27.64
N LYS A 90 5.25 -8.87 27.22
CA LYS A 90 5.60 -7.71 26.40
C LYS A 90 6.18 -8.14 25.05
N VAL A 91 5.86 -7.36 24.03
CA VAL A 91 6.44 -7.56 22.72
C VAL A 91 7.38 -6.37 22.45
N GLU A 92 8.50 -6.63 21.78
CA GLU A 92 9.48 -5.58 21.52
C GLU A 92 9.11 -4.77 20.28
N LEU A 93 9.36 -3.46 20.34
CA LEU A 93 9.07 -2.58 19.23
C LEU A 93 10.32 -2.31 18.38
N PRO A 94 10.16 -2.32 17.06
CA PRO A 94 11.28 -2.00 16.16
C PRO A 94 11.68 -0.54 16.26
N SER A 95 12.95 -0.24 16.01
CA SER A 95 13.46 1.11 16.22
C SER A 95 13.18 2.04 15.04
N GLN A 96 13.13 3.33 15.34
CA GLN A 96 12.90 4.36 14.33
C GLN A 96 14.10 4.45 13.39
N HIS A 97 15.29 4.22 13.93
CA HIS A 97 16.51 4.29 13.15
C HIS A 97 16.56 3.16 12.12
N LEU A 98 16.06 1.99 12.49
CA LEU A 98 15.99 0.86 11.58
C LEU A 98 14.97 1.09 10.48
N CYS A 99 13.86 1.75 10.85
CA CYS A 99 12.79 2.03 9.90
C CYS A 99 13.25 3.04 8.84
N GLN A 100 13.87 4.13 9.29
CA GLN A 100 14.31 5.19 8.40
C GLN A 100 15.38 4.73 7.41
N ALA A 101 16.13 3.69 7.79
CA ALA A 101 17.18 3.16 6.93
C ALA A 101 16.58 2.46 5.73
N THR A 102 15.31 2.08 5.83
CA THR A 102 14.65 1.35 4.75
C THR A 102 14.00 2.26 3.71
N ARG A 103 13.61 3.46 4.12
CA ARG A 103 12.84 4.37 3.28
C ARG A 103 13.46 4.65 1.90
N ASN A 104 14.77 4.89 1.89
CA ASN A 104 15.46 5.25 0.66
C ASN A 104 15.78 4.09 -0.29
N PRO A 105 16.41 3.02 0.21
CA PRO A 105 16.71 1.92 -0.72
C PRO A 105 15.46 1.10 -1.10
N CYS A 106 14.41 1.20 -0.29
CA CYS A 106 13.19 0.44 -0.57
C CYS A 106 12.06 1.35 -1.04
N SER A 107 12.42 2.47 -1.65
CA SER A 107 11.42 3.46 -2.07
C SER A 107 10.56 2.98 -3.22
N ILE A 108 10.93 1.85 -3.82
CA ILE A 108 10.15 1.26 -4.89
C ILE A 108 8.77 0.85 -4.38
N VAL A 109 8.69 0.53 -3.09
CA VAL A 109 7.44 0.15 -2.45
C VAL A 109 6.41 1.28 -2.54
N GLU A 110 6.87 2.51 -2.36
CA GLU A 110 6.00 3.69 -2.47
C GLU A 110 5.32 3.75 -3.82
N ARG A 111 6.05 3.36 -4.86
CA ARG A 111 5.53 3.41 -6.21
C ARG A 111 4.54 2.27 -6.46
N GLU A 112 4.92 1.07 -6.03
CA GLU A 112 4.17 -0.14 -6.38
C GLU A 112 2.96 -0.40 -5.49
N ARG A 113 3.07 -0.18 -4.19
CA ARG A 113 1.95 -0.41 -3.29
C ARG A 113 1.84 0.57 -2.12
N GLY A 114 2.96 1.18 -1.74
CA GLY A 114 2.99 2.07 -0.59
C GLY A 114 3.09 1.31 0.71
N TRP A 115 3.52 1.99 1.77
CA TRP A 115 3.68 1.35 3.08
C TRP A 115 2.37 1.35 3.85
N PRO A 116 2.04 0.22 4.50
CA PRO A 116 0.90 0.21 5.42
C PRO A 116 1.23 1.08 6.63
N ASN A 117 0.21 1.46 7.39
CA ASN A 117 0.41 2.32 8.55
C ASN A 117 1.33 1.70 9.59
N PHE A 118 1.30 0.38 9.70
CA PHE A 118 2.15 -0.30 10.67
C PHE A 118 3.58 -0.49 10.17
N LEU A 119 3.85 0.03 8.97
CA LEU A 119 5.20 -0.01 8.42
C LEU A 119 5.71 1.38 8.01
N LYS A 120 5.02 2.42 8.49
CA LYS A 120 5.46 3.79 8.23
C LYS A 120 6.28 4.31 9.40
N CYS A 121 7.34 5.06 9.09
CA CYS A 121 8.23 5.57 10.12
C CYS A 121 7.59 6.70 10.92
N GLU A 122 6.62 7.38 10.32
CA GLU A 122 5.93 8.48 10.99
C GLU A 122 5.10 7.97 12.16
N ASN A 123 4.94 6.65 12.22
CA ASN A 123 4.25 5.97 13.31
C ASN A 123 5.17 5.87 14.52
N LYS A 124 5.10 6.85 15.41
CA LYS A 124 6.05 6.93 16.52
C LYS A 124 5.80 5.90 17.63
N GLU A 125 4.57 5.41 17.73
CA GLU A 125 4.26 4.40 18.74
C GLU A 125 4.66 3.00 18.27
N GLN A 126 4.81 2.84 16.96
CA GLN A 126 5.26 1.58 16.39
C GLN A 126 6.77 1.55 16.27
N PHE A 127 7.35 2.69 15.90
CA PHE A 127 8.79 2.82 15.75
C PHE A 127 9.35 3.95 16.61
N PRO A 128 9.52 3.69 17.92
CA PRO A 128 10.06 4.71 18.83
C PRO A 128 11.59 4.72 18.82
N LYS A 129 12.17 5.89 19.05
CA LYS A 129 13.61 6.03 19.10
C LYS A 129 14.13 5.90 20.54
N GLY A 130 15.32 5.36 20.69
CA GLY A 130 15.91 5.16 22.00
C GLY A 130 16.22 3.69 22.27
N CYS A 131 15.19 2.86 22.27
CA CYS A 131 15.36 1.43 22.46
C CYS A 131 15.96 0.79 21.21
N GLN A 132 17.28 0.64 21.21
CA GLN A 132 18.00 0.11 20.06
C GLN A 132 18.13 -1.41 20.12
N ASP B 14 -5.19 25.20 -17.12
CA ASP B 14 -4.87 24.11 -18.03
C ASP B 14 -4.03 23.05 -17.33
N PHE B 15 -3.74 23.30 -16.05
CA PHE B 15 -2.91 22.37 -15.28
C PHE B 15 -3.75 21.29 -14.61
N CYS B 16 -5.01 21.19 -15.00
CA CYS B 16 -5.87 20.11 -14.56
C CYS B 16 -5.92 18.99 -15.61
N LYS B 17 -5.10 19.15 -16.64
CA LYS B 17 -4.98 18.16 -17.71
C LYS B 17 -3.52 17.79 -17.91
N LYS B 18 -3.28 16.66 -18.55
CA LYS B 18 -1.92 16.20 -18.79
C LYS B 18 -1.75 15.69 -20.22
N SER B 19 -0.71 16.16 -20.90
CA SER B 19 -0.46 15.78 -22.29
C SER B 19 -0.07 14.32 -22.41
N THR B 20 -0.67 13.62 -23.37
CA THR B 20 -0.41 12.21 -23.60
C THR B 20 -0.98 11.76 -24.94
N THR B 21 -0.74 10.50 -25.29
CA THR B 21 -1.33 9.92 -26.50
C THR B 21 -2.63 9.20 -26.13
N CYS B 22 -3.71 9.53 -26.82
CA CYS B 22 -5.01 8.95 -26.53
C CYS B 22 -5.21 7.60 -27.21
N GLU B 23 -5.61 6.60 -26.43
CA GLU B 23 -5.90 5.28 -26.95
C GLU B 23 -7.40 5.10 -27.08
N VAL B 24 -7.82 4.31 -28.06
CA VAL B 24 -9.23 3.99 -28.19
C VAL B 24 -9.59 2.87 -27.22
N LEU B 25 -10.60 3.11 -26.39
CA LEU B 25 -11.02 2.15 -25.37
C LEU B 25 -11.44 0.80 -25.95
N LYS B 26 -10.97 -0.26 -25.30
CA LYS B 26 -11.31 -1.61 -25.69
C LYS B 26 -12.33 -2.19 -24.73
N TYR B 27 -12.72 -1.36 -23.76
CA TYR B 27 -13.74 -1.72 -22.78
C TYR B 27 -14.66 -0.52 -22.59
N ASN B 28 -15.96 -0.76 -22.57
CA ASN B 28 -16.91 0.34 -22.45
C ASN B 28 -17.46 0.51 -21.03
N THR B 29 -16.95 -0.29 -20.09
CA THR B 29 -17.34 -0.16 -18.69
C THR B 29 -16.13 -0.12 -17.76
N CYS B 30 -16.30 0.56 -16.63
CA CYS B 30 -15.28 0.58 -15.58
C CYS B 30 -15.88 0.14 -14.27
N LEU B 31 -15.55 -1.08 -13.85
CA LEU B 31 -16.05 -1.65 -12.60
C LEU B 31 -17.58 -1.67 -12.53
N GLY B 32 -18.21 -1.96 -13.67
CA GLY B 32 -19.65 -2.09 -13.74
C GLY B 32 -20.38 -0.84 -14.21
N SER B 33 -19.64 0.26 -14.36
CA SER B 33 -20.25 1.52 -14.78
C SER B 33 -19.96 1.80 -16.25
N PRO B 34 -21.02 2.10 -17.04
CA PRO B 34 -20.83 2.43 -18.45
C PRO B 34 -20.09 3.75 -18.62
N LEU B 35 -19.14 3.78 -19.54
CA LEU B 35 -18.33 4.97 -19.78
C LEU B 35 -18.90 5.82 -20.91
N PRO B 36 -19.07 7.13 -20.66
CA PRO B 36 -19.60 8.08 -21.63
C PRO B 36 -18.51 8.66 -22.54
N TYR B 37 -17.41 7.94 -22.69
CA TYR B 37 -16.32 8.37 -23.58
C TYR B 37 -15.58 7.17 -24.16
N THR B 38 -14.82 7.41 -25.22
CA THR B 38 -14.22 6.31 -25.98
C THR B 38 -12.69 6.33 -26.01
N HIS B 39 -12.08 7.35 -25.42
CA HIS B 39 -10.62 7.45 -25.38
C HIS B 39 -10.07 7.40 -23.97
N THR B 40 -8.84 6.91 -23.85
CA THR B 40 -8.22 6.77 -22.54
C THR B 40 -6.71 6.88 -22.65
N SER B 41 -6.05 6.83 -21.49
CA SER B 41 -4.60 6.78 -21.43
C SER B 41 -4.20 6.09 -20.12
N LEU B 42 -3.04 5.46 -20.12
CA LEU B 42 -2.57 4.75 -18.93
C LEU B 42 -1.47 5.51 -18.20
N ILE B 43 -1.32 6.79 -18.52
CA ILE B 43 -0.21 7.58 -18.01
C ILE B 43 -0.39 7.96 -16.54
N LEU B 44 -1.63 7.94 -16.07
CA LEU B 44 -1.93 8.27 -14.67
C LEU B 44 -1.84 7.04 -13.79
N ALA B 45 -2.07 5.86 -14.37
CA ALA B 45 -1.98 4.61 -13.62
C ALA B 45 -0.55 4.08 -13.68
N GLU B 46 0.18 4.25 -12.58
CA GLU B 46 1.61 3.93 -12.54
C GLU B 46 1.91 2.44 -12.46
N ASP B 47 0.90 1.64 -12.12
CA ASP B 47 1.09 0.18 -12.07
C ASP B 47 0.61 -0.50 -13.35
N SER B 48 0.14 0.31 -14.30
CA SER B 48 -0.38 -0.22 -15.55
C SER B 48 0.15 0.56 -16.75
N GLU B 49 0.39 -0.15 -17.85
CA GLU B 49 0.87 0.48 -19.08
C GLU B 49 0.02 0.13 -20.28
N THR B 50 -0.89 -0.81 -20.09
CA THR B 50 -1.87 -1.13 -21.11
C THR B 50 -3.24 -1.15 -20.46
N GLN B 51 -4.28 -1.11 -21.30
CA GLN B 51 -5.64 -1.21 -20.82
C GLN B 51 -5.88 -2.56 -20.17
N GLU B 52 -5.10 -3.56 -20.60
CA GLU B 52 -5.22 -4.91 -20.07
C GLU B 52 -4.66 -5.01 -18.66
N GLU B 53 -3.52 -4.35 -18.44
CA GLU B 53 -2.92 -4.32 -17.11
C GLU B 53 -3.83 -3.59 -16.14
N ALA B 54 -4.48 -2.53 -16.61
CA ALA B 54 -5.45 -1.80 -15.80
C ALA B 54 -6.65 -2.67 -15.46
N PHE B 55 -7.10 -3.46 -16.44
CA PHE B 55 -8.22 -4.39 -16.28
C PHE B 55 -7.94 -5.35 -15.13
N GLU B 56 -6.74 -5.91 -15.10
CA GLU B 56 -6.33 -6.87 -14.08
C GLU B 56 -6.27 -6.21 -12.71
N LYS B 57 -5.78 -4.98 -12.67
CA LYS B 57 -5.66 -4.22 -11.43
C LYS B 57 -7.02 -3.82 -10.88
N LEU B 58 -7.92 -3.42 -11.76
CA LEU B 58 -9.28 -3.07 -11.37
C LEU B 58 -10.02 -4.28 -10.82
N ALA B 59 -9.79 -5.45 -11.42
CA ALA B 59 -10.41 -6.69 -10.96
C ALA B 59 -9.93 -7.01 -9.55
N MET B 60 -8.67 -6.67 -9.28
CA MET B 60 -8.09 -6.84 -7.95
C MET B 60 -8.78 -5.90 -6.96
N TRP B 61 -8.92 -4.64 -7.36
CA TRP B 61 -9.54 -3.62 -6.52
C TRP B 61 -11.00 -3.91 -6.23
N SER B 62 -11.64 -4.68 -7.09
CA SER B 62 -13.08 -4.92 -6.98
C SER B 62 -13.47 -5.76 -5.77
N GLY B 63 -12.47 -6.20 -5.01
CA GLY B 63 -12.71 -6.92 -3.78
C GLY B 63 -13.27 -6.02 -2.70
N LEU B 64 -13.11 -4.71 -2.88
CA LEU B 64 -13.62 -3.72 -1.93
C LEU B 64 -15.09 -3.42 -2.18
N ARG B 65 -15.73 -4.24 -3.02
CA ARG B 65 -17.13 -4.07 -3.34
C ARG B 65 -18.02 -4.49 -2.17
N ASN B 66 -17.51 -5.37 -1.32
CA ASN B 66 -18.24 -5.80 -0.13
C ASN B 66 -18.19 -4.77 1.00
N ALA B 67 -17.40 -3.72 0.81
CA ALA B 67 -17.37 -2.59 1.74
C ALA B 67 -18.03 -1.39 1.07
N PRO B 68 -19.34 -1.23 1.25
CA PRO B 68 -20.20 -0.28 0.52
C PRO B 68 -19.76 1.18 0.64
N ARG B 69 -19.47 1.64 1.85
CA ARG B 69 -19.07 3.03 2.05
C ARG B 69 -17.77 3.33 1.32
N CYS B 70 -16.85 2.37 1.34
CA CYS B 70 -15.59 2.51 0.62
C CYS B 70 -15.82 2.44 -0.88
N TRP B 71 -16.63 1.47 -1.30
CA TRP B 71 -16.85 1.19 -2.71
C TRP B 71 -17.52 2.35 -3.45
N ALA B 72 -18.51 2.96 -2.81
CA ALA B 72 -19.26 4.05 -3.42
C ALA B 72 -18.35 5.25 -3.71
N VAL B 73 -17.20 5.29 -3.04
CA VAL B 73 -16.32 6.43 -3.15
C VAL B 73 -14.97 6.08 -3.78
N ILE B 74 -14.62 4.80 -3.77
CA ILE B 74 -13.34 4.36 -4.33
C ILE B 74 -13.46 4.02 -5.82
N GLN B 75 -14.64 3.55 -6.22
CA GLN B 75 -14.88 3.21 -7.62
C GLN B 75 -14.72 4.41 -8.58
N PRO B 76 -15.32 5.56 -8.26
CA PRO B 76 -15.10 6.71 -9.15
C PRO B 76 -13.64 7.14 -9.22
N LEU B 77 -12.91 7.03 -8.12
CA LEU B 77 -11.51 7.42 -8.09
C LEU B 77 -10.66 6.49 -8.96
N LEU B 78 -10.81 5.19 -8.74
CA LEU B 78 -10.09 4.18 -9.51
C LEU B 78 -10.31 4.36 -11.00
N CYS B 79 -11.57 4.58 -11.39
CA CYS B 79 -11.91 4.74 -12.80
C CYS B 79 -11.29 5.99 -13.41
N ALA B 80 -11.23 7.07 -12.63
CA ALA B 80 -10.61 8.31 -13.11
C ALA B 80 -9.09 8.18 -13.23
N VAL B 81 -8.52 7.14 -12.64
CA VAL B 81 -7.09 6.92 -12.67
C VAL B 81 -6.67 5.83 -13.65
N TYR B 82 -7.40 4.72 -13.63
CA TYR B 82 -7.09 3.58 -14.49
C TYR B 82 -7.67 3.73 -15.89
N MET B 83 -8.89 4.23 -15.98
CA MET B 83 -9.53 4.46 -17.27
C MET B 83 -10.02 5.90 -17.41
N PRO B 84 -9.09 6.86 -17.41
CA PRO B 84 -9.47 8.28 -17.43
C PRO B 84 -9.88 8.73 -18.83
N LYS B 85 -10.62 9.83 -18.91
CA LYS B 85 -11.03 10.38 -20.20
C LYS B 85 -9.89 11.14 -20.85
N CYS B 86 -9.58 10.79 -22.08
CA CYS B 86 -8.51 11.41 -22.85
C CYS B 86 -9.12 12.09 -24.07
N GLU B 87 -8.82 13.38 -24.25
CA GLU B 87 -9.37 14.11 -25.38
C GLU B 87 -8.38 15.15 -25.91
N ASN B 88 -8.20 15.16 -27.23
CA ASN B 88 -7.30 16.11 -27.90
C ASN B 88 -5.88 16.09 -27.34
N GLY B 89 -5.30 14.90 -27.22
CA GLY B 89 -3.92 14.77 -26.79
C GLY B 89 -3.70 15.10 -25.32
N LYS B 90 -4.79 15.19 -24.57
CA LYS B 90 -4.72 15.51 -23.16
C LYS B 90 -5.66 14.61 -22.35
N VAL B 91 -5.22 14.27 -21.14
CA VAL B 91 -6.03 13.45 -20.26
C VAL B 91 -6.44 14.26 -19.03
N GLU B 92 -7.63 13.98 -18.49
CA GLU B 92 -8.14 14.71 -17.34
C GLU B 92 -7.58 14.16 -16.04
N LEU B 93 -7.04 15.04 -15.20
CA LEU B 93 -6.52 14.66 -13.89
C LEU B 93 -7.64 14.60 -12.86
N PRO B 94 -7.62 13.59 -11.98
CA PRO B 94 -8.60 13.48 -10.90
C PRO B 94 -8.37 14.56 -9.83
N SER B 95 -9.43 15.03 -9.20
CA SER B 95 -9.34 16.13 -8.25
C SER B 95 -8.76 15.68 -6.91
N GLN B 96 -8.41 16.66 -6.08
CA GLN B 96 -7.95 16.38 -4.73
C GLN B 96 -9.11 15.83 -3.90
N HIS B 97 -10.30 16.39 -4.10
CA HIS B 97 -11.50 15.98 -3.39
C HIS B 97 -11.85 14.52 -3.65
N LEU B 98 -11.80 14.12 -4.92
CA LEU B 98 -12.16 12.76 -5.32
C LEU B 98 -11.27 11.75 -4.60
N CYS B 99 -10.00 12.10 -4.46
CA CYS B 99 -9.05 11.28 -3.72
C CYS B 99 -9.32 11.37 -2.22
N GLN B 100 -9.53 12.60 -1.75
CA GLN B 100 -9.71 12.87 -0.32
C GLN B 100 -10.93 12.17 0.25
N ALA B 101 -11.95 12.01 -0.59
CA ALA B 101 -13.21 11.39 -0.17
C ALA B 101 -13.07 9.90 0.07
N THR B 102 -11.95 9.33 -0.35
CA THR B 102 -11.72 7.90 -0.20
C THR B 102 -10.98 7.54 1.09
N ARG B 103 -10.31 8.52 1.69
CA ARG B 103 -9.44 8.26 2.83
C ARG B 103 -10.15 7.60 4.02
N ASN B 104 -11.11 8.32 4.60
CA ASN B 104 -11.85 7.78 5.75
C ASN B 104 -12.65 6.50 5.49
N PRO B 105 -13.48 6.47 4.44
CA PRO B 105 -14.26 5.24 4.22
C PRO B 105 -13.39 4.04 3.81
N CYS B 106 -12.21 4.30 3.27
CA CYS B 106 -11.30 3.22 2.88
C CYS B 106 -10.02 3.22 3.72
N SER B 107 -10.16 3.49 5.01
CA SER B 107 -9.03 3.52 5.93
C SER B 107 -8.43 2.12 6.09
N ILE B 108 -9.21 1.11 5.71
CA ILE B 108 -8.77 -0.27 5.79
C ILE B 108 -7.60 -0.53 4.83
N VAL B 109 -7.53 0.28 3.78
CA VAL B 109 -6.45 0.15 2.80
C VAL B 109 -5.13 0.65 3.37
N GLU B 110 -5.14 1.87 3.91
CA GLU B 110 -3.95 2.47 4.50
C GLU B 110 -3.50 1.69 5.72
N ARG B 111 -4.44 1.02 6.38
CA ARG B 111 -4.16 0.26 7.58
C ARG B 111 -3.53 -1.11 7.28
N GLU B 112 -4.02 -1.77 6.24
CA GLU B 112 -3.61 -3.14 5.96
C GLU B 112 -2.62 -3.31 4.78
N ARG B 113 -2.75 -2.50 3.74
CA ARG B 113 -1.82 -2.62 2.61
C ARG B 113 -1.13 -1.30 2.24
N GLY B 114 -1.88 -0.21 2.25
CA GLY B 114 -1.33 1.10 1.94
C GLY B 114 -1.70 1.59 0.56
N TRP B 115 -1.47 2.89 0.31
CA TRP B 115 -1.75 3.49 -1.00
C TRP B 115 -0.45 3.73 -1.75
N PRO B 116 -0.44 3.40 -3.05
CA PRO B 116 0.71 3.71 -3.89
C PRO B 116 0.82 5.20 -4.10
N ASN B 117 1.95 5.67 -4.63
CA ASN B 117 2.16 7.09 -4.86
C ASN B 117 1.11 7.74 -5.75
N PHE B 118 0.72 7.04 -6.81
CA PHE B 118 -0.23 7.60 -7.76
C PHE B 118 -1.67 7.55 -7.25
N LEU B 119 -1.85 7.06 -6.03
CA LEU B 119 -3.15 7.05 -5.38
C LEU B 119 -3.12 7.75 -4.02
N LYS B 120 -2.04 8.48 -3.76
CA LYS B 120 -1.92 9.28 -2.54
C LYS B 120 -2.38 10.71 -2.80
N CYS B 121 -3.23 11.23 -1.93
CA CYS B 121 -3.74 12.59 -2.08
C CYS B 121 -2.64 13.64 -1.95
N GLU B 122 -1.53 13.25 -1.34
CA GLU B 122 -0.39 14.17 -1.17
C GLU B 122 0.33 14.40 -2.49
N ASN B 123 -0.02 13.59 -3.50
CA ASN B 123 0.54 13.76 -4.83
C ASN B 123 -0.18 14.89 -5.57
N LYS B 124 0.43 16.07 -5.55
CA LYS B 124 -0.19 17.26 -6.13
C LYS B 124 -0.27 17.20 -7.66
N GLU B 125 0.65 16.47 -8.28
CA GLU B 125 0.65 16.34 -9.74
C GLU B 125 -0.48 15.42 -10.21
N GLN B 126 -0.82 14.44 -9.39
CA GLN B 126 -1.90 13.51 -9.71
C GLN B 126 -3.26 14.08 -9.35
N PHE B 127 -3.34 14.73 -8.18
CA PHE B 127 -4.60 15.25 -7.67
C PHE B 127 -4.52 16.73 -7.35
N PRO B 128 -4.69 17.59 -8.36
CA PRO B 128 -4.68 19.05 -8.18
C PRO B 128 -5.93 19.54 -7.45
N LYS B 129 -5.88 20.77 -6.94
CA LYS B 129 -7.02 21.35 -6.25
C LYS B 129 -7.98 22.04 -7.22
N GLY B 130 -9.26 22.08 -6.84
CA GLY B 130 -10.29 22.72 -7.64
C GLY B 130 -10.34 22.20 -9.07
N CYS B 131 -10.44 20.89 -9.21
CA CYS B 131 -10.34 20.26 -10.52
C CYS B 131 -11.52 19.33 -10.79
N GLN B 132 -12.70 19.92 -11.01
CA GLN B 132 -13.92 19.15 -11.19
C GLN B 132 -13.82 18.09 -12.29
ZN ZN C . 7.73 -21.27 25.59
NA NA D . -2.46 -8.33 14.02
NA NA E . 1.22 4.02 -16.63
#